data_2NOK
#
_entry.id   2NOK
#
_cell.length_a   62.098
_cell.length_b   65.351
_cell.length_c   92.400
_cell.angle_alpha   90.00
_cell.angle_beta   90.00
_cell.angle_gamma   90.00
#
_symmetry.space_group_name_H-M   'P 21 21 21'
#
loop_
_entity.id
_entity.type
_entity.pdbx_description
1 polymer "5'-R(*CP*GP*GP*AP*GP*GP*AP*AP*CP*UP*AP*CP*UP*GP*UP*CP*UP*UP*CP*AP*CP*GP*CP*C)-3'"
2 polymer "5'-R(*GP*CP*GP*UP*GP*UP*CP*GP*UP*GP*CP*AP*GP*CP*CP*UP*CP*CP*GP*G)-3'"
3 non-polymer 'MAGNESIUM ION'
4 non-polymer 'MANGANESE (II) ION'
#
loop_
_entity_poly.entity_id
_entity_poly.type
_entity_poly.pdbx_seq_one_letter_code
_entity_poly.pdbx_strand_id
1 'polyribonucleotide' CGGAGGAACUACUGUCUUCACGCC A,C
2 'polyribonucleotide' GCGUGUCGUGCAGCCUCCGG B,D
#